data_7O4O
#
_entry.id   7O4O
#
_cell.length_a   59.750
_cell.length_b   61.440
_cell.length_c   63.190
_cell.angle_alpha   90.000
_cell.angle_beta   90.000
_cell.angle_gamma   90.000
#
_symmetry.space_group_name_H-M   'P 21 21 21'
#
loop_
_entity.id
_entity.type
_entity.pdbx_description
1 polymer 'tRNA (Adenine(22)-N(1))-methyltransferase'
2 non-polymer S-ADENOSYL-L-HOMOCYSTEINE
3 non-polymer GLYCEROL
4 water water
#
_entity_poly.entity_id   1
_entity_poly.type   'polypeptide(L)'
_entity_poly.pdbx_seq_one_letter_code
;GMISLNNRLTTVSRFLKQGTIADIGSDHAYLPIYAIQNHLCECGIAGEVIQGPFQAAVKNVAANQLVDRIDVRLGDGLSV
IQPEDVIDNITICGMGGPLIAKILKDGQDKLSQHPRLILQSNIQTENLRQTLQQLNYEIIDEIIMEEKGHIYEIVVAEYS
TELIELSSDELKFGPKLLNNKNEYFIKKWQRELEALYHIKSKLNTEQHHQRLAQINDEIAVIERVL
;
_entity_poly.pdbx_strand_id   A
#
# COMPACT_ATOMS: atom_id res chain seq x y z
N GLY A 1 -5.40 23.17 3.97
CA GLY A 1 -6.62 23.48 4.75
C GLY A 1 -6.34 23.27 6.21
N MET A 2 -7.02 22.30 6.85
CA MET A 2 -7.06 22.21 8.33
C MET A 2 -6.59 20.85 8.87
N ILE A 3 -6.70 19.71 8.18
CA ILE A 3 -6.23 18.39 8.74
CA ILE A 3 -6.23 18.38 8.71
C ILE A 3 -4.70 18.28 8.62
N SER A 4 -4.06 17.73 9.66
CA SER A 4 -2.61 17.37 9.67
C SER A 4 -2.42 15.87 9.48
N LEU A 5 -1.78 15.40 8.44
CA LEU A 5 -1.51 13.96 8.22
C LEU A 5 -0.12 13.66 8.75
N ASN A 6 0.05 12.41 9.16
CA ASN A 6 1.38 11.88 9.49
C ASN A 6 2.25 11.85 8.22
N ASN A 7 3.55 11.66 8.40
CA ASN A 7 4.56 11.71 7.31
C ASN A 7 4.29 10.58 6.30
N ARG A 8 3.94 9.40 6.78
CA ARG A 8 3.59 8.20 5.94
C ARG A 8 2.55 8.60 4.88
N LEU A 9 1.43 9.16 5.29
CA LEU A 9 0.29 9.43 4.40
C LEU A 9 0.56 10.73 3.64
N THR A 10 1.26 11.69 4.25
CA THR A 10 1.68 12.93 3.54
C THR A 10 2.53 12.46 2.33
N THR A 11 3.41 11.50 2.50
CA THR A 11 4.34 11.01 1.45
C THR A 11 3.48 10.38 0.33
N VAL A 12 2.49 9.54 0.68
CA VAL A 12 1.52 8.99 -0.30
C VAL A 12 0.89 10.16 -1.10
N SER A 13 0.44 11.21 -0.41
CA SER A 13 -0.31 12.35 -1.03
C SER A 13 0.53 13.01 -2.13
N ARG A 14 1.85 12.96 -2.01
CA ARG A 14 2.73 13.64 -3.03
C ARG A 14 2.68 12.93 -4.38
N PHE A 15 2.13 11.72 -4.49
CA PHE A 15 2.01 10.93 -5.72
C PHE A 15 0.63 11.03 -6.41
N LEU A 16 -0.30 11.76 -5.75
CA LEU A 16 -1.66 11.88 -6.26
C LEU A 16 -1.67 12.73 -7.53
N LYS A 17 -2.28 12.16 -8.56
CA LYS A 17 -2.69 12.88 -9.78
C LYS A 17 -3.93 13.73 -9.52
N GLN A 18 -4.12 14.81 -10.28
CA GLN A 18 -5.36 15.62 -10.16
C GLN A 18 -6.58 14.76 -10.55
N GLY A 19 -7.74 15.11 -10.00
CA GLY A 19 -9.00 14.43 -10.32
C GLY A 19 -9.55 13.72 -9.09
N THR A 20 -9.74 12.42 -9.19
CA THR A 20 -10.43 11.67 -8.11
C THR A 20 -9.44 10.74 -7.39
N ILE A 21 -9.56 10.69 -6.04
CA ILE A 21 -8.85 9.68 -5.19
C ILE A 21 -9.90 8.69 -4.65
N ALA A 22 -9.63 7.41 -4.85
CA ALA A 22 -10.40 6.35 -4.15
C ALA A 22 -9.47 5.75 -3.11
N ASP A 23 -9.79 5.92 -1.83
CA ASP A 23 -8.93 5.43 -0.73
C ASP A 23 -9.63 4.21 -0.09
N ILE A 24 -9.01 3.07 -0.25
CA ILE A 24 -9.60 1.76 0.16
C ILE A 24 -9.12 1.46 1.57
N GLY A 25 -10.07 1.18 2.49
CA GLY A 25 -9.71 1.07 3.92
C GLY A 25 -9.21 2.40 4.45
N SER A 26 -10.02 3.45 4.20
CA SER A 26 -9.67 4.84 4.46
C SER A 26 -9.55 5.06 5.97
N ASP A 27 -8.60 5.92 6.33
CA ASP A 27 -8.20 6.38 7.67
C ASP A 27 -9.26 7.35 8.19
N HIS A 28 -10.47 6.92 8.58
CA HIS A 28 -11.53 7.89 8.94
C HIS A 28 -11.63 8.97 7.83
N ALA A 29 -11.30 8.62 6.59
CA ALA A 29 -11.28 9.50 5.39
C ALA A 29 -10.28 10.67 5.51
N TYR A 30 -9.29 10.63 6.40
CA TYR A 30 -8.40 11.82 6.52
CA TYR A 30 -8.24 11.69 6.57
C TYR A 30 -7.54 11.98 5.24
N LEU A 31 -7.14 10.91 4.54
CA LEU A 31 -6.31 11.14 3.33
C LEU A 31 -7.16 11.83 2.25
N PRO A 32 -8.37 11.34 1.88
CA PRO A 32 -9.23 12.06 0.96
C PRO A 32 -9.52 13.50 1.39
N ILE A 33 -9.82 13.73 2.66
CA ILE A 33 -10.08 15.12 3.14
C ILE A 33 -8.83 15.98 2.90
N TYR A 34 -7.66 15.50 3.30
CA TYR A 34 -6.38 16.23 3.14
C TYR A 34 -6.21 16.54 1.65
N ALA A 35 -6.42 15.55 0.79
CA ALA A 35 -6.14 15.71 -0.66
C ALA A 35 -7.03 16.84 -1.23
N ILE A 36 -8.28 16.95 -0.79
CA ILE A 36 -9.23 17.96 -1.33
C ILE A 36 -8.90 19.32 -0.70
N GLN A 37 -8.59 19.38 0.59
CA GLN A 37 -8.25 20.66 1.27
C GLN A 37 -6.97 21.27 0.66
N ASN A 38 -6.02 20.44 0.23
CA ASN A 38 -4.72 20.88 -0.35
C ASN A 38 -4.76 20.91 -1.88
N HIS A 39 -5.96 20.83 -2.48
CA HIS A 39 -6.17 20.90 -3.94
C HIS A 39 -5.32 19.89 -4.71
N LEU A 40 -5.03 18.73 -4.16
CA LEU A 40 -4.36 17.64 -4.90
C LEU A 40 -5.37 16.91 -5.77
N CYS A 41 -6.57 16.68 -5.22
CA CYS A 41 -7.70 16.05 -5.93
C CYS A 41 -8.94 16.94 -5.74
N GLU A 42 -9.99 16.75 -6.54
CA GLU A 42 -11.24 17.57 -6.36
C GLU A 42 -12.37 16.68 -5.85
N CYS A 43 -12.26 15.37 -6.03
CA CYS A 43 -13.32 14.39 -5.66
CA CYS A 43 -13.31 14.42 -5.57
C CYS A 43 -12.66 13.22 -4.91
N GLY A 44 -13.40 12.63 -3.99
CA GLY A 44 -12.91 11.47 -3.22
C GLY A 44 -13.97 10.40 -3.04
N ILE A 45 -13.48 9.18 -2.92
CA ILE A 45 -14.26 7.99 -2.46
C ILE A 45 -13.48 7.45 -1.26
N ALA A 46 -14.18 7.19 -0.15
CA ALA A 46 -13.55 6.62 1.05
C ALA A 46 -14.20 5.25 1.28
N GLY A 47 -13.48 4.16 1.09
CA GLY A 47 -14.02 2.80 1.25
C GLY A 47 -13.70 2.30 2.63
N GLU A 48 -14.75 1.76 3.30
CA GLU A 48 -14.64 1.19 4.66
C GLU A 48 -15.30 -0.18 4.62
N VAL A 49 -14.76 -1.17 5.34
CA VAL A 49 -15.30 -2.55 5.29
C VAL A 49 -16.21 -2.81 6.50
N ILE A 50 -16.06 -2.04 7.58
CA ILE A 50 -16.92 -2.22 8.79
C ILE A 50 -17.53 -0.89 9.25
N GLN A 51 -18.57 -1.01 10.07
CA GLN A 51 -19.53 0.09 10.33
C GLN A 51 -18.87 1.22 11.16
N GLY A 52 -17.96 0.90 12.08
CA GLY A 52 -17.37 1.93 12.98
C GLY A 52 -16.57 2.96 12.19
N PRO A 53 -15.58 2.47 11.40
CA PRO A 53 -14.78 3.33 10.54
C PRO A 53 -15.65 4.06 9.50
N PHE A 54 -16.66 3.35 8.95
CA PHE A 54 -17.64 3.94 8.01
C PHE A 54 -18.28 5.16 8.65
N GLN A 55 -18.86 5.00 9.84
CA GLN A 55 -19.60 6.12 10.47
CA GLN A 55 -19.59 6.09 10.52
C GLN A 55 -18.61 7.23 10.86
N ALA A 56 -17.37 6.89 11.24
CA ALA A 56 -16.36 7.89 11.64
C ALA A 56 -15.98 8.71 10.40
N ALA A 57 -15.85 8.04 9.26
CA ALA A 57 -15.56 8.74 7.97
C ALA A 57 -16.70 9.68 7.59
N VAL A 58 -17.95 9.22 7.65
CA VAL A 58 -19.13 10.05 7.35
C VAL A 58 -19.07 11.31 8.22
N LYS A 59 -18.85 11.16 9.53
CA LYS A 59 -18.84 12.30 10.48
C LYS A 59 -17.72 13.26 10.11
N ASN A 60 -16.54 12.74 9.83
CA ASN A 60 -15.35 13.58 9.54
CA ASN A 60 -15.33 13.56 9.52
C ASN A 60 -15.54 14.35 8.23
N VAL A 61 -16.12 13.72 7.20
CA VAL A 61 -16.43 14.41 5.91
C VAL A 61 -17.42 15.55 6.19
N ALA A 62 -18.46 15.31 7.01
CA ALA A 62 -19.50 16.32 7.33
C ALA A 62 -18.87 17.48 8.12
N ALA A 63 -17.97 17.19 9.07
CA ALA A 63 -17.36 18.18 9.97
C ALA A 63 -16.46 19.13 9.16
N ASN A 64 -15.88 18.64 8.06
CA ASN A 64 -14.96 19.40 7.18
C ASN A 64 -15.74 19.94 5.99
N GLN A 65 -17.07 19.83 6.00
CA GLN A 65 -17.94 20.51 4.99
C GLN A 65 -17.62 19.97 3.58
N LEU A 66 -17.40 18.66 3.43
CA LEU A 66 -16.99 18.03 2.15
C LEU A 66 -18.00 16.95 1.71
N VAL A 67 -19.25 17.04 2.14
CA VAL A 67 -20.29 16.01 1.86
C VAL A 67 -20.48 15.93 0.34
N ASP A 68 -20.33 17.04 -0.37
CA ASP A 68 -20.59 17.06 -1.84
CA ASP A 68 -20.53 17.19 -1.84
C ASP A 68 -19.32 16.66 -2.61
N ARG A 69 -18.21 16.37 -1.93
CA ARG A 69 -16.89 16.14 -2.59
C ARG A 69 -16.36 14.74 -2.30
N ILE A 70 -16.71 14.15 -1.15
CA ILE A 70 -16.24 12.80 -0.72
C ILE A 70 -17.44 11.87 -0.46
N ASP A 71 -17.49 10.80 -1.24
CA ASP A 71 -18.50 9.72 -1.14
C ASP A 71 -17.91 8.66 -0.22
N VAL A 72 -18.56 8.38 0.91
CA VAL A 72 -18.11 7.32 1.85
C VAL A 72 -18.93 6.05 1.55
N ARG A 73 -18.26 4.94 1.37
CA ARG A 73 -18.92 3.71 0.89
C ARG A 73 -18.53 2.52 1.77
N LEU A 74 -19.51 1.67 2.10
CA LEU A 74 -19.27 0.44 2.86
C LEU A 74 -19.08 -0.75 1.92
N GLY A 75 -17.97 -1.43 2.05
CA GLY A 75 -17.77 -2.63 1.21
C GLY A 75 -16.35 -3.13 1.30
N ASP A 76 -16.16 -4.35 0.85
CA ASP A 76 -14.88 -5.06 1.02
C ASP A 76 -13.96 -4.69 -0.16
N GLY A 77 -12.80 -4.12 0.13
CA GLY A 77 -11.79 -3.85 -0.92
C GLY A 77 -12.33 -3.02 -2.07
N LEU A 78 -12.06 -3.43 -3.32
CA LEU A 78 -12.51 -2.66 -4.51
C LEU A 78 -14.01 -2.88 -4.82
N SER A 79 -14.73 -3.66 -4.05
CA SER A 79 -16.19 -3.82 -4.34
CA SER A 79 -16.21 -3.83 -4.17
C SER A 79 -16.88 -2.44 -4.23
N VAL A 80 -16.30 -1.48 -3.52
CA VAL A 80 -16.92 -0.12 -3.39
C VAL A 80 -16.87 0.57 -4.74
N ILE A 81 -16.04 0.12 -5.68
CA ILE A 81 -15.89 0.85 -6.98
C ILE A 81 -17.10 0.48 -7.87
N GLN A 82 -17.73 1.52 -8.39
CA GLN A 82 -18.99 1.47 -9.18
C GLN A 82 -18.66 1.78 -10.62
N PRO A 83 -19.42 1.18 -11.57
CA PRO A 83 -19.06 1.26 -12.98
C PRO A 83 -19.05 2.71 -13.47
N GLU A 84 -19.78 3.64 -12.86
CA GLU A 84 -19.79 5.07 -13.33
C GLU A 84 -18.59 5.86 -12.78
N ASP A 85 -17.83 5.32 -11.84
CA ASP A 85 -16.73 6.08 -11.20
C ASP A 85 -15.64 6.42 -12.23
N VAL A 86 -15.12 7.63 -12.17
CA VAL A 86 -13.89 7.99 -12.93
C VAL A 86 -12.82 8.24 -11.88
N ILE A 87 -11.84 7.37 -11.84
CA ILE A 87 -10.86 7.31 -10.72
C ILE A 87 -9.45 7.49 -11.27
N ASP A 88 -8.76 8.53 -10.82
CA ASP A 88 -7.37 8.83 -11.27
C ASP A 88 -6.34 8.11 -10.38
N ASN A 89 -6.70 7.91 -9.10
CA ASN A 89 -5.77 7.32 -8.11
C ASN A 89 -6.58 6.35 -7.25
N ILE A 90 -6.03 5.15 -7.09
CA ILE A 90 -6.45 4.26 -5.96
C ILE A 90 -5.31 4.21 -4.94
N THR A 91 -5.66 4.50 -3.67
CA THR A 91 -4.67 4.50 -2.58
C THR A 91 -5.08 3.36 -1.64
N ILE A 92 -4.12 2.53 -1.27
CA ILE A 92 -4.39 1.44 -0.29
C ILE A 92 -3.23 1.46 0.69
N CYS A 93 -3.48 1.95 1.91
CA CYS A 93 -2.43 2.26 2.87
C CYS A 93 -2.69 1.62 4.24
N GLY A 94 -1.61 1.43 4.98
CA GLY A 94 -1.64 1.02 6.39
C GLY A 94 -2.05 -0.42 6.50
N MET A 95 -1.73 -1.25 5.52
CA MET A 95 -2.06 -2.68 5.49
C MET A 95 -0.79 -3.50 5.24
N GLY A 96 -0.83 -4.81 5.55
CA GLY A 96 0.22 -5.73 5.06
C GLY A 96 0.17 -5.87 3.55
N GLY A 97 1.33 -6.12 2.92
CA GLY A 97 1.41 -6.45 1.49
C GLY A 97 0.42 -7.52 1.04
N PRO A 98 0.31 -8.69 1.77
CA PRO A 98 -0.56 -9.74 1.30
C PRO A 98 -2.04 -9.31 1.23
N LEU A 99 -2.45 -8.48 2.16
CA LEU A 99 -3.87 -7.99 2.11
C LEU A 99 -4.08 -7.02 0.92
N ILE A 100 -3.12 -6.12 0.69
CA ILE A 100 -3.25 -5.20 -0.47
C ILE A 100 -3.29 -6.05 -1.73
N ALA A 101 -2.43 -7.06 -1.79
CA ALA A 101 -2.38 -7.98 -2.93
C ALA A 101 -3.73 -8.60 -3.18
N LYS A 102 -4.32 -9.16 -2.11
CA LYS A 102 -5.64 -9.86 -2.21
CA LYS A 102 -5.64 -9.86 -2.23
C LYS A 102 -6.73 -8.87 -2.70
N ILE A 103 -6.72 -7.67 -2.15
CA ILE A 103 -7.72 -6.64 -2.55
C ILE A 103 -7.59 -6.37 -4.06
N LEU A 104 -6.36 -6.20 -4.56
CA LEU A 104 -6.18 -5.88 -6.00
C LEU A 104 -6.53 -7.09 -6.86
N LYS A 105 -6.07 -8.28 -6.47
CA LYS A 105 -6.30 -9.50 -7.27
C LYS A 105 -7.81 -9.79 -7.34
N ASP A 106 -8.42 -9.83 -6.16
CA ASP A 106 -9.87 -10.17 -6.05
C ASP A 106 -10.73 -9.11 -6.74
N GLY A 107 -10.24 -7.86 -6.78
CA GLY A 107 -10.95 -6.73 -7.39
C GLY A 107 -10.42 -6.32 -8.75
N GLN A 108 -9.73 -7.22 -9.45
CA GLN A 108 -8.94 -6.79 -10.65
C GLN A 108 -9.89 -6.28 -11.73
N ASP A 109 -11.15 -6.74 -11.78
CA ASP A 109 -12.15 -6.28 -12.80
C ASP A 109 -12.42 -4.77 -12.62
N LYS A 110 -12.13 -4.22 -11.44
CA LYS A 110 -12.41 -2.80 -11.09
C LYS A 110 -11.31 -1.87 -11.65
N LEU A 111 -10.24 -2.42 -12.20
CA LEU A 111 -9.06 -1.62 -12.66
C LEU A 111 -9.12 -1.32 -14.16
N SER A 112 -10.24 -1.53 -14.83
CA SER A 112 -10.31 -1.43 -16.32
C SER A 112 -9.95 -0.05 -16.85
N GLN A 113 -10.08 1.02 -16.06
CA GLN A 113 -9.75 2.39 -16.53
CA GLN A 113 -9.76 2.42 -16.48
C GLN A 113 -8.29 2.75 -16.24
N HIS A 114 -7.52 1.82 -15.66
CA HIS A 114 -6.04 1.92 -15.51
C HIS A 114 -5.65 3.09 -14.62
N PRO A 115 -6.22 3.22 -13.39
CA PRO A 115 -5.79 4.28 -12.49
C PRO A 115 -4.34 4.09 -12.05
N ARG A 116 -3.72 5.19 -11.65
CA ARG A 116 -2.50 5.13 -10.83
C ARG A 116 -2.85 4.43 -9.49
N LEU A 117 -1.98 3.54 -9.06
CA LEU A 117 -2.13 2.88 -7.73
C LEU A 117 -1.04 3.40 -6.81
N ILE A 118 -1.40 3.88 -5.64
CA ILE A 118 -0.36 4.25 -4.66
C ILE A 118 -0.62 3.36 -3.44
N LEU A 119 0.31 2.46 -3.21
CA LEU A 119 0.13 1.38 -2.17
C LEU A 119 1.11 1.65 -1.06
N GLN A 120 0.65 1.60 0.20
CA GLN A 120 1.61 1.75 1.30
C GLN A 120 1.50 0.50 2.17
N SER A 121 2.58 -0.25 2.16
CA SER A 121 2.64 -1.62 2.75
CA SER A 121 2.69 -1.63 2.71
C SER A 121 3.47 -1.60 4.03
N ASN A 122 2.92 -2.24 5.07
CA ASN A 122 3.58 -2.30 6.40
C ASN A 122 4.55 -3.49 6.52
N ILE A 123 4.43 -4.50 5.67
CA ILE A 123 5.18 -5.78 5.83
C ILE A 123 5.01 -6.61 4.55
N GLN A 124 5.99 -7.42 4.23
CA GLN A 124 5.80 -8.48 3.20
C GLN A 124 5.30 -7.84 1.89
N THR A 125 6.03 -6.81 1.42
CA THR A 125 5.62 -6.09 0.21
C THR A 125 5.79 -6.96 -1.05
N GLU A 126 6.66 -7.97 -0.99
CA GLU A 126 6.88 -8.95 -2.06
C GLU A 126 5.54 -9.40 -2.65
N ASN A 127 4.58 -9.76 -1.78
CA ASN A 127 3.32 -10.34 -2.33
C ASN A 127 2.62 -9.29 -3.22
N LEU A 128 2.58 -8.02 -2.81
CA LEU A 128 1.92 -6.97 -3.60
C LEU A 128 2.65 -6.78 -4.96
N ARG A 129 3.99 -6.82 -4.97
CA ARG A 129 4.74 -6.65 -6.26
C ARG A 129 4.38 -7.80 -7.20
N GLN A 130 4.26 -9.04 -6.67
CA GLN A 130 3.89 -10.20 -7.51
CA GLN A 130 3.86 -10.24 -7.44
C GLN A 130 2.50 -9.97 -8.11
N THR A 131 1.53 -9.49 -7.33
CA THR A 131 0.18 -9.22 -7.83
C THR A 131 0.24 -8.10 -8.89
N LEU A 132 0.94 -7.01 -8.60
CA LEU A 132 1.07 -5.88 -9.59
C LEU A 132 1.61 -6.40 -10.94
N GLN A 133 2.60 -7.28 -10.89
CA GLN A 133 3.13 -7.97 -12.09
C GLN A 133 2.00 -8.64 -12.85
N GLN A 134 1.23 -9.47 -12.14
CA GLN A 134 0.16 -10.26 -12.75
C GLN A 134 -0.93 -9.39 -13.35
N LEU A 135 -1.12 -8.16 -12.88
CA LEU A 135 -2.20 -7.27 -13.36
C LEU A 135 -1.69 -6.27 -14.43
N ASN A 136 -0.51 -6.52 -14.97
CA ASN A 136 0.04 -5.61 -16.04
C ASN A 136 0.28 -4.24 -15.43
N TYR A 137 0.61 -4.15 -14.15
CA TYR A 137 1.06 -2.88 -13.51
C TYR A 137 2.58 -2.90 -13.44
N GLU A 138 3.09 -1.68 -13.55
CA GLU A 138 4.51 -1.37 -13.56
C GLU A 138 4.84 -0.44 -12.41
N ILE A 139 5.85 -0.77 -11.63
CA ILE A 139 6.29 0.09 -10.51
C ILE A 139 7.06 1.26 -11.12
N ILE A 140 6.59 2.47 -10.88
CA ILE A 140 7.22 3.72 -11.43
C ILE A 140 7.97 4.47 -10.33
N ASP A 141 7.65 4.21 -9.06
CA ASP A 141 8.39 4.83 -7.96
C ASP A 141 8.22 4.02 -6.68
N GLU A 142 9.19 4.12 -5.80
CA GLU A 142 9.13 3.49 -4.45
C GLU A 142 9.80 4.40 -3.42
N ILE A 143 9.21 4.47 -2.23
CA ILE A 143 9.81 5.18 -1.08
C ILE A 143 9.89 4.19 0.07
N ILE A 144 10.99 4.24 0.82
CA ILE A 144 11.11 3.53 2.10
C ILE A 144 11.49 4.58 3.16
N MET A 145 10.73 4.62 4.26
CA MET A 145 10.80 5.72 5.25
CA MET A 145 10.84 5.71 5.26
C MET A 145 10.47 5.15 6.63
N GLU A 146 10.77 5.91 7.67
CA GLU A 146 10.63 5.47 9.06
C GLU A 146 9.72 6.48 9.74
N GLU A 147 8.77 5.99 10.52
CA GLU A 147 7.93 6.84 11.40
C GLU A 147 7.71 6.11 12.73
N LYS A 148 7.98 6.79 13.83
CA LYS A 148 7.95 6.23 15.21
C LYS A 148 8.61 4.85 15.21
N GLY A 149 9.79 4.74 14.59
CA GLY A 149 10.65 3.53 14.68
C GLY A 149 10.24 2.41 13.71
N HIS A 150 9.06 2.47 13.09
CA HIS A 150 8.54 1.46 12.15
C HIS A 150 8.94 1.84 10.72
N ILE A 151 9.38 0.88 9.91
CA ILE A 151 9.80 1.19 8.51
C ILE A 151 8.68 0.79 7.56
N TYR A 152 8.33 1.68 6.63
CA TYR A 152 7.14 1.58 5.76
C TYR A 152 7.61 1.73 4.31
N GLU A 153 6.95 1.05 3.39
CA GLU A 153 7.27 1.18 1.95
C GLU A 153 6.04 1.71 1.23
N ILE A 154 6.29 2.62 0.31
CA ILE A 154 5.24 3.15 -0.60
C ILE A 154 5.63 2.69 -2.01
N VAL A 155 4.67 2.11 -2.71
CA VAL A 155 4.83 1.57 -4.08
C VAL A 155 3.83 2.29 -4.98
N VAL A 156 4.36 2.96 -6.03
CA VAL A 156 3.54 3.72 -7.02
C VAL A 156 3.61 2.97 -8.33
N ALA A 157 2.46 2.67 -8.90
CA ALA A 157 2.35 1.76 -10.07
C ALA A 157 1.35 2.32 -11.06
N GLU A 158 1.67 2.15 -12.35
CA GLU A 158 0.78 2.55 -13.46
C GLU A 158 0.68 1.37 -14.43
N TYR A 159 -0.40 1.35 -15.18
CA TYR A 159 -0.72 0.26 -16.14
C TYR A 159 0.31 0.26 -17.28
N SER A 160 0.62 -0.95 -17.74
CA SER A 160 1.51 -1.20 -18.89
C SER A 160 0.76 -2.08 -19.89
N THR A 161 0.88 -1.79 -21.20
CA THR A 161 0.22 -2.62 -22.25
C THR A 161 0.97 -3.94 -22.39
N GLU A 162 2.11 -4.12 -21.75
CA GLU A 162 2.75 -5.45 -21.64
C GLU A 162 3.11 -5.75 -20.19
N LEU A 163 2.95 -7.03 -19.81
CA LEU A 163 3.34 -7.46 -18.45
C LEU A 163 4.83 -7.20 -18.21
N ILE A 164 5.18 -6.59 -17.09
CA ILE A 164 6.60 -6.30 -16.74
C ILE A 164 7.12 -7.35 -15.76
N GLU A 165 8.05 -8.19 -16.17
CA GLU A 165 8.56 -9.29 -15.31
C GLU A 165 9.64 -8.75 -14.37
N LEU A 166 9.48 -8.96 -13.06
CA LEU A 166 10.51 -8.57 -12.08
C LEU A 166 11.26 -9.82 -11.60
N SER A 167 12.52 -9.65 -11.23
CA SER A 167 13.37 -10.76 -10.74
C SER A 167 12.88 -11.12 -9.33
N SER A 168 13.36 -12.24 -8.81
CA SER A 168 13.06 -12.55 -7.42
C SER A 168 13.58 -11.45 -6.48
N ASP A 169 14.78 -10.89 -6.67
CA ASP A 169 15.29 -9.78 -5.81
C ASP A 169 14.40 -8.54 -5.98
N GLU A 170 14.03 -8.19 -7.22
CA GLU A 170 13.19 -6.99 -7.47
C GLU A 170 11.82 -7.15 -6.81
N LEU A 171 11.22 -8.36 -6.84
CA LEU A 171 9.90 -8.56 -6.15
C LEU A 171 10.05 -8.43 -4.61
N LYS A 172 11.15 -8.98 -4.08
CA LYS A 172 11.35 -9.00 -2.60
C LYS A 172 11.73 -7.61 -2.08
N PHE A 173 12.69 -6.93 -2.73
CA PHE A 173 13.33 -5.71 -2.18
C PHE A 173 12.81 -4.44 -2.85
N GLY A 174 12.24 -4.55 -4.07
CA GLY A 174 11.72 -3.41 -4.84
C GLY A 174 12.70 -3.01 -5.94
N PRO A 175 12.22 -2.85 -7.19
CA PRO A 175 13.12 -2.55 -8.31
C PRO A 175 13.72 -1.15 -8.18
N LYS A 176 13.01 -0.19 -7.55
CA LYS A 176 13.50 1.20 -7.30
C LYS A 176 14.32 1.25 -6.02
N LEU A 177 13.88 0.51 -4.97
CA LEU A 177 14.56 0.59 -3.65
C LEU A 177 15.95 -0.06 -3.73
N LEU A 178 16.11 -1.09 -4.58
CA LEU A 178 17.44 -1.69 -4.86
C LEU A 178 18.44 -0.66 -5.39
N ASN A 179 17.98 0.30 -6.19
CA ASN A 179 18.87 1.31 -6.85
C ASN A 179 19.42 2.26 -5.78
N ASN A 180 18.69 2.42 -4.67
CA ASN A 180 19.07 3.35 -3.58
C ASN A 180 19.94 2.61 -2.57
N LYS A 181 19.28 1.88 -1.69
CA LYS A 181 19.80 1.19 -0.47
C LYS A 181 20.18 2.26 0.56
N ASN A 182 19.19 3.12 0.88
CA ASN A 182 19.30 4.21 1.89
C ASN A 182 19.32 3.58 3.27
N GLU A 183 19.53 4.41 4.31
CA GLU A 183 19.67 3.96 5.71
C GLU A 183 18.44 3.18 6.14
N TYR A 184 17.27 3.45 5.56
CA TYR A 184 15.98 2.82 5.99
C TYR A 184 15.86 1.43 5.34
N PHE A 185 16.34 1.30 4.11
CA PHE A 185 16.45 0.01 3.41
C PHE A 185 17.35 -0.92 4.23
N ILE A 186 18.55 -0.43 4.58
CA ILE A 186 19.56 -1.19 5.39
C ILE A 186 18.92 -1.61 6.73
N LYS A 187 18.33 -0.67 7.50
CA LYS A 187 17.73 -0.91 8.82
C LYS A 187 16.61 -1.96 8.68
N LYS A 188 15.73 -1.84 7.67
CA LYS A 188 14.59 -2.79 7.50
C LYS A 188 15.16 -4.20 7.38
N TRP A 189 16.16 -4.38 6.52
CA TRP A 189 16.61 -5.75 6.14
C TRP A 189 17.60 -6.31 7.18
N GLN A 190 18.37 -5.45 7.86
CA GLN A 190 19.13 -5.88 9.08
C GLN A 190 18.16 -6.37 10.17
N ARG A 191 17.08 -5.64 10.40
CA ARG A 191 16.04 -6.05 11.36
C ARG A 191 15.40 -7.38 10.93
N GLU A 192 15.15 -7.56 9.62
CA GLU A 192 14.54 -8.84 9.17
C GLU A 192 15.53 -9.98 9.40
N LEU A 193 16.82 -9.74 9.13
CA LEU A 193 17.87 -10.77 9.41
CA LEU A 193 17.87 -10.76 9.40
C LEU A 193 17.86 -11.14 10.89
N GLU A 194 17.81 -10.14 11.77
CA GLU A 194 17.86 -10.35 13.24
C GLU A 194 16.66 -11.23 13.60
N ALA A 195 15.49 -10.96 13.01
CA ALA A 195 14.25 -11.69 13.35
C ALA A 195 14.36 -13.14 12.86
N LEU A 196 14.96 -13.35 11.68
CA LEU A 196 15.07 -14.70 11.09
C LEU A 196 16.05 -15.55 11.92
N TYR A 197 17.17 -14.98 12.36
CA TYR A 197 18.16 -15.69 13.20
C TYR A 197 17.52 -15.95 14.56
N HIS A 198 16.71 -15.03 15.08
CA HIS A 198 15.98 -15.24 16.37
C HIS A 198 15.02 -16.43 16.26
N ILE A 199 14.27 -16.58 15.17
CA ILE A 199 13.38 -17.76 14.95
C ILE A 199 14.21 -19.04 15.03
N LYS A 200 15.43 -19.05 14.47
CA LYS A 200 16.35 -20.21 14.50
C LYS A 200 16.75 -20.58 15.94
N SER A 201 16.70 -19.65 16.89
CA SER A 201 16.98 -19.93 18.33
C SER A 201 15.81 -20.70 18.94
N LYS A 202 14.66 -20.77 18.26
CA LYS A 202 13.43 -21.36 18.87
C LYS A 202 12.99 -22.65 18.17
N LEU A 203 13.61 -23.05 17.06
CA LEU A 203 13.23 -24.21 16.20
C LEU A 203 14.35 -25.23 16.22
N ASN A 204 14.06 -26.42 16.73
CA ASN A 204 14.98 -27.57 16.68
C ASN A 204 15.17 -28.02 15.22
N THR A 205 16.42 -28.14 14.78
CA THR A 205 16.73 -28.49 13.37
C THR A 205 16.28 -29.92 13.04
N GLU A 206 16.05 -30.78 14.04
CA GLU A 206 15.54 -32.18 13.84
C GLU A 206 14.07 -32.17 13.46
N GLN A 207 13.33 -31.10 13.78
CA GLN A 207 11.84 -31.16 13.84
C GLN A 207 11.18 -30.18 12.85
N HIS A 208 11.93 -29.30 12.16
CA HIS A 208 11.32 -28.16 11.42
C HIS A 208 12.01 -27.98 10.07
N HIS A 209 12.34 -29.09 9.41
CA HIS A 209 13.11 -29.10 8.13
C HIS A 209 12.55 -28.07 7.14
N GLN A 210 11.24 -28.11 6.90
CA GLN A 210 10.52 -27.31 5.89
C GLN A 210 10.68 -25.83 6.20
N ARG A 211 10.27 -25.38 7.39
CA ARG A 211 10.32 -23.93 7.70
C ARG A 211 11.78 -23.46 7.73
N LEU A 212 12.70 -24.23 8.33
CA LEU A 212 14.14 -23.80 8.39
C LEU A 212 14.74 -23.67 6.98
N ALA A 213 14.40 -24.55 6.03
CA ALA A 213 14.88 -24.46 4.63
C ALA A 213 14.48 -23.08 4.09
N GLN A 214 13.20 -22.71 4.24
CA GLN A 214 12.63 -21.42 3.77
C GLN A 214 13.39 -20.28 4.47
N ILE A 215 13.58 -20.38 5.79
CA ILE A 215 14.19 -19.30 6.62
C ILE A 215 15.64 -19.11 6.16
N ASN A 216 16.37 -20.23 6.00
CA ASN A 216 17.80 -20.20 5.63
C ASN A 216 17.92 -19.62 4.22
N ASP A 217 17.02 -19.98 3.30
CA ASP A 217 17.12 -19.38 1.95
CA ASP A 217 17.03 -19.39 1.94
C ASP A 217 16.88 -17.87 2.07
N GLU A 218 15.91 -17.43 2.85
CA GLU A 218 15.63 -15.99 2.96
C GLU A 218 16.87 -15.25 3.54
N ILE A 219 17.50 -15.79 4.56
CA ILE A 219 18.71 -15.20 5.20
C ILE A 219 19.78 -15.10 4.11
N ALA A 220 19.94 -16.13 3.29
CA ALA A 220 21.02 -16.15 2.29
C ALA A 220 20.78 -15.04 1.26
N VAL A 221 19.52 -14.90 0.84
CA VAL A 221 19.14 -13.85 -0.12
C VAL A 221 19.47 -12.49 0.50
N ILE A 222 19.03 -12.22 1.72
CA ILE A 222 19.23 -10.88 2.36
C ILE A 222 20.74 -10.64 2.56
N GLU A 223 21.51 -11.66 2.91
CA GLU A 223 22.95 -11.47 3.26
C GLU A 223 23.69 -11.13 1.96
N ARG A 224 23.24 -11.67 0.82
CA ARG A 224 23.85 -11.38 -0.51
C ARG A 224 23.56 -9.92 -0.89
N VAL A 225 22.35 -9.45 -0.67
CA VAL A 225 21.88 -8.13 -1.17
C VAL A 225 22.41 -7.03 -0.24
N LEU A 226 22.55 -7.26 1.07
CA LEU A 226 23.23 -6.28 1.96
C LEU A 226 24.76 -6.38 1.77
#